data_6RCF
#
_entry.id   6RCF
#
_cell.length_a   43.384
_cell.length_b   141.461
_cell.length_c   34.795
_cell.angle_alpha   90.00
_cell.angle_beta   90.00
_cell.angle_gamma   90.00
#
_symmetry.space_group_name_H-M   'C 2 2 2'
#
loop_
_entity.id
_entity.type
_entity.pdbx_description
1 polymer 'Protein enabled homolog'
2 non-polymer "2-[(3~{a}~{R},6~{R},8~{a}~{S})-1-[(3~{S},6~{R},8~{a}~{S})-1'-[(2~{S})-2-acetamido-3-(2-chlorophenyl)propanoyl]-5-oxidanylidene-spiro[1,2,3,8~{a}-tetrahydroindolizine-6,2'-pyrrolidine]-3-yl]carbonyl-6-ethyl-8-oxidanylidene-3,3~{a},6,8~{a}-tetrahydro-2~{H}-pyrrolo[2,3-c]azepin-7-yl]ethanoic acid"
3 non-polymer 'NITRATE ION'
4 water water
#
_entity_poly.entity_id   1
_entity_poly.type   'polypeptide(L)'
_entity_poly.pdbx_seq_one_letter_code
;GSMSEQSICQARAAVMVYDDANKKWVPAGGSTGFSRVHIYHHTGNNTFRVVGRKIQDHQVVINCAIPKGLKYNQATQTFH
QWRDARQVYGLNFGSKEDANVFASAMMHALEVL
;
_entity_poly.pdbx_strand_id   A
#
loop_
_chem_comp.id
_chem_comp.type
_chem_comp.name
_chem_comp.formula
K0K non-polymer '2-[(3~{a}~{R},6~{R},8~{a}~{S})-1-[(3~{S},6~{R},8~{a}~{S})-1'-[(2~{S})-2-acetamido-3-(2-chlorophenyl)propanoyl]-5-oxidanylidene-spiro[1,2,3,8~{a}-tetrahydroindolizine-6,2'-pyrrolidine]-3-yl]carbonyl-6-ethyl-8-oxidanylidene-3,3~{a},6,8~{a}-tetrahydro-2~{H}-pyrrolo[2,3-c]azepin-7-yl]ethanoic acid' 'C35 H42 Cl N5 O7'
NO3 non-polymer 'NITRATE ION' 'N O3 -1'
#
# COMPACT_ATOMS: atom_id res chain seq x y z
N MET A 3 14.42 16.78 -5.12
CA MET A 3 13.38 16.28 -4.24
C MET A 3 13.90 15.16 -3.33
N SER A 4 13.56 15.25 -2.04
CA SER A 4 14.03 14.26 -1.08
C SER A 4 13.46 12.88 -1.37
N GLU A 5 12.21 12.81 -1.87
CA GLU A 5 11.57 11.52 -2.13
C GLU A 5 11.19 11.40 -3.59
N GLN A 6 11.41 10.23 -4.18
CA GLN A 6 11.16 9.99 -5.59
C GLN A 6 10.12 8.88 -5.65
N SER A 7 9.11 9.03 -6.46
CA SER A 7 8.12 7.97 -6.67
C SER A 7 8.72 6.89 -7.58
N ILE A 8 8.64 5.63 -7.16
CA ILE A 8 9.13 4.53 -7.99
C ILE A 8 8.00 3.75 -8.63
N CYS A 9 6.77 4.05 -8.27
CA CYS A 9 5.62 3.52 -8.99
C CYS A 9 4.37 4.29 -8.62
N GLN A 10 3.34 4.11 -9.46
CA GLN A 10 2.01 4.61 -9.19
C GLN A 10 1.06 3.51 -9.61
N ALA A 11 0.12 3.15 -8.74
CA ALA A 11 -0.84 2.12 -9.12
C ALA A 11 -2.22 2.48 -8.57
N ARG A 12 -3.22 2.06 -9.28
CA ARG A 12 -4.62 2.38 -8.92
C ARG A 12 -5.15 1.26 -8.02
N ALA A 13 -5.64 1.61 -6.85
CA ALA A 13 -6.19 0.59 -5.97
C ALA A 13 -7.12 1.24 -4.98
N ALA A 14 -8.09 0.41 -4.52
CA ALA A 14 -8.91 0.78 -3.37
C ALA A 14 -8.15 0.30 -2.14
N VAL A 15 -7.70 1.23 -1.30
CA VAL A 15 -6.86 0.94 -0.15
C VAL A 15 -7.76 0.52 1.00
N MET A 16 -7.53 -0.69 1.55
CA MET A 16 -8.33 -1.26 2.62
C MET A 16 -7.47 -1.48 3.86
N VAL A 17 -8.05 -1.30 5.05
N VAL A 17 -8.12 -1.40 5.02
CA VAL A 17 -7.40 -1.73 6.29
CA VAL A 17 -7.52 -1.65 6.33
C VAL A 17 -8.32 -2.74 6.96
C VAL A 17 -8.36 -2.72 6.99
N TYR A 18 -7.73 -3.68 7.67
CA TYR A 18 -8.51 -4.73 8.28
C TYR A 18 -8.95 -4.33 9.69
N ASP A 19 -10.24 -4.34 9.92
CA ASP A 19 -10.79 -4.10 11.25
C ASP A 19 -10.87 -5.47 11.96
N ASP A 20 -9.83 -5.84 12.69
CA ASP A 20 -9.78 -7.18 13.29
C ASP A 20 -11.01 -7.49 14.16
N ALA A 21 -11.50 -6.49 14.92
CA ALA A 21 -12.60 -6.73 15.83
C ALA A 21 -13.84 -7.24 15.12
N ASN A 22 -14.10 -6.76 13.91
CA ASN A 22 -15.27 -7.17 13.14
C ASN A 22 -14.90 -8.09 12.00
N LYS A 23 -13.64 -8.51 11.92
N LYS A 23 -13.64 -8.51 11.93
CA LYS A 23 -13.14 -9.38 10.86
CA LYS A 23 -13.15 -9.43 10.91
C LYS A 23 -13.66 -8.91 9.50
C LYS A 23 -13.59 -9.01 9.51
N LYS A 24 -13.35 -7.65 9.18
N LYS A 24 -13.33 -7.74 9.19
CA LYS A 24 -13.86 -7.02 7.98
CA LYS A 24 -13.70 -7.26 7.87
C LYS A 24 -12.83 -6.04 7.45
C LYS A 24 -12.80 -6.12 7.42
N TRP A 25 -12.72 -5.98 6.11
CA TRP A 25 -11.96 -4.92 5.49
C TRP A 25 -12.84 -3.68 5.52
N VAL A 26 -12.22 -2.54 5.74
N VAL A 26 -12.22 -2.53 5.80
CA VAL A 26 -12.90 -1.25 5.69
CA VAL A 26 -12.80 -1.18 5.86
C VAL A 26 -12.06 -0.28 4.89
C VAL A 26 -12.04 -0.29 4.88
N PRO A 27 -12.69 0.66 4.20
CA PRO A 27 -11.92 1.58 3.34
C PRO A 27 -10.95 2.43 4.15
N ALA A 28 -9.69 2.48 3.73
CA ALA A 28 -8.72 3.32 4.42
C ALA A 28 -9.21 4.77 4.40
N GLY A 29 -9.02 5.45 5.53
CA GLY A 29 -9.50 6.80 5.63
C GLY A 29 -11.01 6.98 5.64
N GLY A 30 -11.74 5.88 5.73
CA GLY A 30 -13.18 5.93 5.83
C GLY A 30 -13.85 6.34 4.57
N SER A 31 -13.18 6.26 3.41
CA SER A 31 -13.59 6.89 2.17
C SER A 31 -13.59 5.85 1.06
N THR A 32 -14.74 5.23 0.79
CA THR A 32 -14.80 4.26 -0.28
C THR A 32 -14.31 4.86 -1.61
N GLY A 33 -13.61 4.05 -2.36
CA GLY A 33 -13.20 4.41 -3.69
C GLY A 33 -11.73 4.23 -3.91
N PHE A 34 -11.29 4.54 -5.10
CA PHE A 34 -9.94 4.29 -5.53
C PHE A 34 -9.02 5.45 -5.23
N SER A 35 -7.77 5.06 -5.07
CA SER A 35 -6.62 5.89 -4.81
C SER A 35 -5.51 5.69 -5.83
N ARG A 36 -4.66 6.71 -5.96
CA ARG A 36 -3.39 6.56 -6.64
C ARG A 36 -2.36 6.29 -5.56
N VAL A 37 -1.76 5.10 -5.63
CA VAL A 37 -0.87 4.61 -4.58
C VAL A 37 0.55 4.59 -5.11
N HIS A 38 1.44 5.31 -4.45
CA HIS A 38 2.85 5.35 -4.80
C HIS A 38 3.63 4.52 -3.81
N ILE A 39 4.81 4.10 -4.26
CA ILE A 39 5.92 3.85 -3.34
C ILE A 39 6.95 4.96 -3.55
N TYR A 40 7.29 5.66 -2.47
CA TYR A 40 8.25 6.75 -2.52
C TYR A 40 9.53 6.27 -1.87
N HIS A 41 10.64 6.59 -2.54
CA HIS A 41 11.98 6.25 -2.11
C HIS A 41 12.69 7.51 -1.63
N HIS A 42 13.11 7.50 -0.39
CA HIS A 42 13.97 8.55 0.18
C HIS A 42 15.41 8.07 0.02
N THR A 43 16.14 8.64 -0.93
CA THR A 43 17.44 8.10 -1.27
C THR A 43 18.45 8.33 -0.15
N GLY A 44 18.30 9.41 0.61
CA GLY A 44 19.28 9.70 1.66
C GLY A 44 19.48 8.58 2.66
N ASN A 45 18.41 7.91 3.09
CA ASN A 45 18.63 6.79 4.00
C ASN A 45 18.09 5.48 3.45
N ASN A 46 17.89 5.43 2.16
CA ASN A 46 17.36 4.27 1.48
C ASN A 46 16.13 3.72 2.17
N THR A 47 15.14 4.59 2.41
CA THR A 47 13.88 4.13 2.98
C THR A 47 12.77 4.26 1.94
N PHE A 48 11.68 3.49 2.19
CA PHE A 48 10.55 3.47 1.30
C PHE A 48 9.26 3.57 2.08
N ARG A 49 8.26 4.23 1.48
N ARG A 49 8.26 4.24 1.50
CA ARG A 49 6.94 4.35 2.07
CA ARG A 49 6.94 4.24 2.10
C ARG A 49 5.90 4.11 0.99
C ARG A 49 5.88 4.16 1.02
N VAL A 50 4.73 3.61 1.40
CA VAL A 50 3.54 3.53 0.56
C VAL A 50 2.68 4.75 0.94
N VAL A 51 2.36 5.57 -0.06
CA VAL A 51 1.53 6.75 0.19
C VAL A 51 0.46 6.74 -0.89
N GLY A 52 -0.79 6.77 -0.47
CA GLY A 52 -1.91 6.73 -1.40
C GLY A 52 -2.88 7.86 -1.14
N ARG A 53 -3.39 8.47 -2.21
CA ARG A 53 -4.34 9.59 -2.15
C ARG A 53 -5.54 9.29 -2.98
N LYS A 54 -6.70 9.61 -2.44
N LYS A 54 -6.72 9.58 -2.43
CA LYS A 54 -7.93 9.38 -3.17
CA LYS A 54 -7.96 9.37 -3.16
C LYS A 54 -7.94 10.16 -4.48
C LYS A 54 -7.91 10.14 -4.49
N ILE A 55 -8.41 9.50 -5.54
CA ILE A 55 -8.47 10.16 -6.82
C ILE A 55 -9.34 11.41 -6.75
N GLN A 56 -10.49 11.34 -6.07
CA GLN A 56 -11.40 12.49 -6.11
C GLN A 56 -10.84 13.68 -5.32
N ASP A 57 -10.68 13.51 -4.03
CA ASP A 57 -10.46 14.64 -3.14
C ASP A 57 -9.04 14.73 -2.61
N HIS A 58 -8.14 13.87 -3.08
CA HIS A 58 -6.72 13.94 -2.71
C HIS A 58 -6.39 13.55 -1.27
N GLN A 59 -7.36 13.08 -0.48
CA GLN A 59 -7.10 12.72 0.91
C GLN A 59 -5.99 11.64 0.92
N VAL A 60 -5.00 11.79 1.80
CA VAL A 60 -4.03 10.73 2.05
C VAL A 60 -4.74 9.66 2.87
N VAL A 61 -4.81 8.44 2.33
CA VAL A 61 -5.47 7.37 3.06
C VAL A 61 -4.51 6.28 3.53
N ILE A 62 -3.27 6.31 3.09
CA ILE A 62 -2.23 5.42 3.58
C ILE A 62 -0.92 6.15 3.51
N ASN A 63 -0.10 5.93 4.54
CA ASN A 63 1.23 6.52 4.63
C ASN A 63 2.02 5.61 5.55
N CYS A 64 2.55 4.53 5.03
N CYS A 64 2.65 4.58 4.96
CA CYS A 64 3.21 3.59 5.91
CA CYS A 64 3.12 3.39 5.67
C CYS A 64 4.57 3.23 5.38
C CYS A 64 4.57 3.07 5.32
N ALA A 65 5.44 2.97 6.31
CA ALA A 65 6.81 2.62 6.01
C ALA A 65 6.84 1.17 5.53
N ILE A 66 7.85 0.86 4.71
CA ILE A 66 8.10 -0.50 4.24
C ILE A 66 9.38 -0.93 4.94
N PRO A 67 9.30 -1.83 5.90
CA PRO A 67 10.51 -2.24 6.61
C PRO A 67 11.16 -3.42 5.91
N LYS A 68 12.47 -3.52 6.10
CA LYS A 68 13.20 -4.67 5.64
C LYS A 68 12.58 -5.93 6.19
N GLY A 69 12.47 -6.93 5.36
CA GLY A 69 11.93 -8.20 5.78
C GLY A 69 10.44 -8.33 5.66
N LEU A 70 9.71 -7.30 5.19
CA LEU A 70 8.27 -7.39 5.07
C LEU A 70 7.88 -8.58 4.22
N LYS A 71 6.78 -9.23 4.62
CA LYS A 71 6.15 -10.31 3.84
C LYS A 71 4.98 -9.69 3.08
N TYR A 72 5.13 -9.56 1.80
CA TYR A 72 4.14 -8.98 0.88
C TYR A 72 3.40 -10.15 0.26
N ASN A 73 2.13 -10.24 0.57
CA ASN A 73 1.33 -11.39 0.19
C ASN A 73 0.47 -11.08 -1.00
N GLN A 74 0.67 -11.81 -2.09
CA GLN A 74 -0.08 -11.61 -3.32
C GLN A 74 -1.21 -12.62 -3.30
N ALA A 75 -2.24 -12.27 -2.55
CA ALA A 75 -3.32 -13.21 -2.25
C ALA A 75 -4.01 -13.65 -3.55
N THR A 76 -4.31 -12.65 -4.40
CA THR A 76 -4.89 -12.90 -5.72
C THR A 76 -4.17 -12.01 -6.75
N GLN A 77 -4.56 -12.16 -8.01
CA GLN A 77 -4.00 -11.32 -9.06
C GLN A 77 -4.37 -9.85 -8.95
N THR A 78 -5.39 -9.54 -8.12
CA THR A 78 -5.79 -8.14 -7.95
C THR A 78 -5.91 -7.68 -6.51
N PHE A 79 -5.54 -8.47 -5.54
CA PHE A 79 -5.58 -8.08 -4.13
C PHE A 79 -4.31 -8.54 -3.45
N HIS A 80 -3.51 -7.60 -2.99
CA HIS A 80 -2.27 -7.86 -2.28
C HIS A 80 -2.36 -7.22 -0.93
N GLN A 81 -1.59 -7.74 0.02
CA GLN A 81 -1.73 -7.32 1.41
C GLN A 81 -0.40 -7.46 2.13
N TRP A 82 -0.31 -6.76 3.24
CA TRP A 82 0.84 -6.85 4.11
C TRP A 82 0.46 -6.27 5.46
N ARG A 83 1.47 -6.22 6.39
N ARG A 83 1.33 -6.62 6.42
CA ARG A 83 1.04 -5.61 7.69
CA ARG A 83 0.99 -6.30 7.79
C ARG A 83 2.18 -4.90 8.34
C ARG A 83 2.22 -5.81 8.46
N ASP A 84 1.87 -3.97 9.26
N ASP A 84 2.03 -4.91 9.44
CA ASP A 84 2.82 -3.37 10.16
CA ASP A 84 3.08 -4.34 10.25
C ASP A 84 2.55 -3.92 11.56
C ASP A 84 2.57 -4.50 11.68
N ALA A 85 3.20 -3.34 12.55
N ALA A 85 3.17 -3.74 12.58
CA ALA A 85 2.98 -3.82 13.90
CA ALA A 85 2.93 -3.97 13.99
C ALA A 85 1.61 -3.45 14.41
C ALA A 85 1.58 -3.48 14.45
N ARG A 86 0.88 -2.60 13.70
CA ARG A 86 -0.44 -2.15 14.12
C ARG A 86 -1.59 -2.50 13.21
N GLN A 87 -1.35 -2.57 11.90
CA GLN A 87 -2.45 -2.73 10.98
C GLN A 87 -2.11 -3.72 9.88
N VAL A 88 -3.18 -4.19 9.27
CA VAL A 88 -3.09 -5.01 8.08
C VAL A 88 -3.69 -4.19 6.95
N TYR A 89 -2.93 -4.06 5.90
CA TYR A 89 -3.32 -3.31 4.75
C TYR A 89 -3.61 -4.23 3.58
N GLY A 90 -4.57 -3.83 2.76
CA GLY A 90 -4.89 -4.51 1.52
C GLY A 90 -5.09 -3.55 0.38
N LEU A 91 -4.60 -3.89 -0.78
CA LEU A 91 -4.76 -3.08 -1.97
C LEU A 91 -5.60 -3.90 -2.94
N ASN A 92 -6.83 -3.40 -3.21
CA ASN A 92 -7.72 -4.01 -4.20
C ASN A 92 -7.52 -3.25 -5.51
N PHE A 93 -6.61 -3.78 -6.33
CA PHE A 93 -6.13 -3.04 -7.51
C PHE A 93 -7.20 -2.90 -8.59
N GLY A 94 -7.12 -1.80 -9.32
CA GLY A 94 -8.03 -1.57 -10.42
C GLY A 94 -7.86 -2.55 -11.56
N SER A 95 -6.70 -3.15 -11.71
CA SER A 95 -6.43 -4.08 -12.78
C SER A 95 -5.26 -4.96 -12.37
N LYS A 96 -5.14 -6.10 -13.04
CA LYS A 96 -3.95 -6.93 -12.89
C LYS A 96 -2.67 -6.20 -13.25
N GLU A 97 -2.71 -5.30 -14.23
CA GLU A 97 -1.51 -4.56 -14.61
C GLU A 97 -1.05 -3.67 -13.46
N ASP A 98 -1.99 -3.03 -12.78
CA ASP A 98 -1.67 -2.19 -11.63
C ASP A 98 -1.09 -3.01 -10.48
N ALA A 99 -1.64 -4.20 -10.26
CA ALA A 99 -1.10 -5.07 -9.24
C ALA A 99 0.33 -5.45 -9.56
N ASN A 100 0.61 -5.78 -10.84
CA ASN A 100 1.93 -6.18 -11.28
C ASN A 100 2.92 -5.03 -11.12
N VAL A 101 2.53 -3.82 -11.47
CA VAL A 101 3.40 -2.67 -11.31
C VAL A 101 3.75 -2.44 -9.85
N PHE A 102 2.73 -2.44 -8.99
CA PHE A 102 2.96 -2.20 -7.59
C PHE A 102 3.81 -3.29 -6.97
N ALA A 103 3.48 -4.55 -7.29
CA ALA A 103 4.25 -5.66 -6.68
C ALA A 103 5.69 -5.60 -7.14
N SER A 104 5.92 -5.26 -8.38
N SER A 104 5.94 -5.25 -8.40
CA SER A 104 7.29 -5.28 -8.84
CA SER A 104 7.31 -5.13 -8.89
C SER A 104 8.11 -4.17 -8.16
C SER A 104 8.07 -4.16 -8.04
N ALA A 105 7.53 -2.97 -7.89
CA ALA A 105 8.23 -1.95 -7.13
C ALA A 105 8.42 -2.36 -5.67
N MET A 106 7.39 -2.95 -5.07
CA MET A 106 7.49 -3.39 -3.69
C MET A 106 8.61 -4.41 -3.56
N MET A 107 8.60 -5.39 -4.41
CA MET A 107 9.60 -6.43 -4.36
C MET A 107 11.01 -5.88 -4.59
N HIS A 108 11.14 -4.88 -5.45
CA HIS A 108 12.41 -4.22 -5.67
C HIS A 108 12.87 -3.59 -4.37
N ALA A 109 12.01 -2.77 -3.78
CA ALA A 109 12.31 -2.17 -2.49
C ALA A 109 12.79 -3.18 -1.47
N LEU A 110 12.07 -4.30 -1.39
CA LEU A 110 12.41 -5.30 -0.40
C LEU A 110 13.75 -6.00 -0.70
N GLU A 111 14.16 -6.02 -1.94
CA GLU A 111 15.47 -6.56 -2.32
C GLU A 111 16.62 -5.62 -2.00
N VAL A 112 16.41 -4.31 -2.08
CA VAL A 112 17.51 -3.34 -1.87
C VAL A 112 17.58 -2.79 -0.45
N LEU A 113 16.57 -3.07 0.37
CA LEU A 113 16.67 -2.71 1.77
C LEU A 113 17.70 -3.51 2.54
N K0K B . -8.41 -13.08 4.36
CA K0K B . -8.70 -13.22 2.95
C K0K B . -9.32 -12.06 2.35
O K0K B . -9.86 -11.21 3.07
CB K0K B . -9.62 -14.47 2.92
CG K0K B . -9.31 -15.17 4.22
CD K0K B . -9.16 -14.05 5.21
CAP K0K B . -1.04 -12.32 5.00
CAQ K0K B . -13.68 -9.77 0.32
CAR K0K B . -4.73 -12.93 5.97
CAS K0K B . -11.54 -10.78 0.70
CAT K0K B . -2.48 -12.52 4.90
CAU K0K B . -14.44 -9.30 1.53
CAV K0K B . -2.02 -13.29 8.30
CAW K0K B . -7.13 -12.21 6.23
CAX K0K B . -10.03 -11.14 -1.09
CAY K0K B . -10.11 -10.86 0.43
CAZ K0K B . -11.53 -5.98 0.00
CBA K0K B . -8.83 -12.87 -0.07
CBB K0K B . -11.45 -8.51 -0.20
CBC K0K B . -10.16 -9.96 -1.88
CBD K0K B . -0.16 -13.39 4.80
CBF K0K B . -3.23 -12.62 6.24
CBG K0K B . -7.41 -12.30 4.82
CBI K0K B . -0.56 -11.06 5.26
CBJ K0K B . -12.36 -7.25 -0.14
CBK K0K B . -7.53 -13.43 6.96
CBL K0K B . 1.18 -13.20 4.94
CBN K0K B . -8.69 -11.87 -1.19
CBO K0K B . -8.44 -14.32 6.37
CBP K0K B . -10.82 -8.78 -1.45
CBR K0K B . -5.34 -10.79 7.13
CBS K0K B . 1.67 -11.95 5.19
CBT K0K B . -1.96 -14.47 9.28
CBU K0K B . -7.68 -10.95 6.74
CBV K0K B . 0.78 -10.89 5.37
CBW K0K B . -6.69 -10.37 7.68
NAI K0K B . -12.19 -9.69 0.34
NAK K0K B . -2.76 -13.59 7.23
NAL K0K B . -9.40 -12.02 1.03
NAM K0K B . -5.59 -12.05 6.45
OAB K0K B . -12.20 -11.79 1.10
OAC K0K B . -15.70 -9.33 1.47
OAE K0K B . -13.77 -9.04 2.53
OAF K0K B . -5.10 -13.91 5.32
OAG K0K B . -6.86 -11.57 3.96
OAH K0K B . -1.34 -12.25 8.51
CLA K0K B . -1.59 -9.70 5.54
HA K0K B . -7.79 -13.38 2.39
HB2 K0K B . -10.68 -14.19 2.88
HB1 K0K B . -9.39 -15.11 2.07
HG2 K0K B . -10.12 -15.84 4.51
HG1 K0K B . -8.39 -15.74 4.15
HD K0K B . -10.16 -13.75 5.54
HG3 K0K B . -13.96 -10.80 0.16
HAQ K0K B . -14.04 -9.15 -0.52
HAT K0K B . -2.65 -13.45 4.34
HG4 K0K B . -2.89 -11.68 4.34
HAX K0K B . -10.82 -11.80 -1.47
HAY K0K B . -9.60 -9.97 0.79
HG6 K0K B . -12.19 -5.14 0.20
HAZ K0K B . -11.00 -5.80 -0.93
HG5 K0K B . -10.81 -6.10 0.81
HG7 K0K B . -9.52 -13.67 -0.35
HBA K0K B . -7.86 -13.30 0.20
HBB K0K B . -10.59 -8.27 0.43
HBC K0K B . -9.70 -9.95 -2.85
HBD K0K B . -0.55 -14.37 4.52
HBF K0K B . -3.04 -11.65 6.71
HG8 K0K B . -13.03 -7.33 0.72
HBJ K0K B . -12.95 -7.20 -1.05
HBK K0K B . -7.12 -13.65 7.95
HBL K0K B . 1.87 -14.04 4.85
HG9 K0K B . -8.57 -12.38 -2.16
HBN K0K B . -7.85 -11.20 -1.03
HBO K0K B . -8.59 -15.27 6.84
HBP K0K B . -10.79 -7.96 -2.14
HHA K0K B . -4.96 -10.04 6.44
HBR K0K B . -4.63 -10.93 7.93
HBS K0K B . 2.74 -11.76 5.25
HHB K0K B . -2.34 -15.37 8.79
HHC K0K B . -2.57 -14.25 10.16
HBT K0K B . -0.93 -14.64 9.59
HBU K0K B . -8.61 -11.14 7.26
HHD K0K B . -7.85 -10.26 5.91
HBV K0K B . 1.17 -9.91 5.61
HBW K0K B . -6.79 -9.29 7.70
HHE K0K B . -6.84 -10.77 8.68
HAK K0K B . -3.28 -14.44 7.30
N NO3 C . -2.58 5.59 -10.78
N NO3 C . -3.07 5.23 -10.79
O1 NO3 C . -3.58 6.03 -10.17
O1 NO3 C . -3.77 5.13 -9.75
O2 NO3 C . -2.48 4.41 -11.13
O2 NO3 C . -1.83 5.00 -10.80
O3 NO3 C . -1.63 6.35 -11.14
O3 NO3 C . -3.65 5.52 -11.87
#